data_4LVU
#
_entry.id   4LVU
#
_cell.length_a   71.460
_cell.length_b   103.390
_cell.length_c   71.290
_cell.angle_alpha   90.000
_cell.angle_beta   90.000
_cell.angle_gamma   90.000
#
_symmetry.space_group_name_H-M   'P 21 21 2'
#
loop_
_entity.id
_entity.type
_entity.pdbx_description
1 polymer 'Oxidoreductase, short chain dehydrogenase/reductase family'
2 non-polymer 1,2-ETHANEDIOL
3 water water
#
_entity_poly.entity_id   1
_entity_poly.type   'polypeptide(L)'
_entity_poly.pdbx_seq_one_letter_code
;MAHHHHHHMSDIASHRESNGARSAQDERYARYPSLAGRAVLITGGATGIGASFVEHFARQGARVAFVDLDEQAARALAAR
LADAAHEPVFVACDLTDIAALRGAIEAIRARIGPIAALVNNAANDVRHAIADVTPDSFDACIAVNLRHQFFAAQAVIDDM
KRLGGGSIVNLGSISWMLKNAGYPVYASAKAAVQGLTRALARELGPFGIRVNTLVPGWVMTDKQRRLWLDDAGRAAIKAG
QCIDAELLPGDLARMALFLAADDSRMITAQDVVVDGGWA
;
_entity_poly.pdbx_strand_id   A,B
#
loop_
_chem_comp.id
_chem_comp.type
_chem_comp.name
_chem_comp.formula
EDO non-polymer 1,2-ETHANEDIOL 'C2 H6 O2'
#
# COMPACT_ATOMS: atom_id res chain seq x y z
N ASP A 26 -19.28 6.58 -0.38
CA ASP A 26 -18.99 7.38 0.86
C ASP A 26 -18.05 8.52 0.50
N GLU A 27 -18.54 9.75 0.74
CA GLU A 27 -17.89 10.99 0.35
C GLU A 27 -16.61 11.24 1.11
N ARG A 28 -16.31 10.43 2.14
CA ARG A 28 -15.06 10.59 2.85
C ARG A 28 -13.87 10.01 2.12
N TYR A 29 -14.10 9.09 1.18
CA TYR A 29 -13.02 8.34 0.57
C TYR A 29 -12.57 8.97 -0.75
N ALA A 30 -11.40 8.55 -1.20
CA ALA A 30 -10.77 9.15 -2.35
C ALA A 30 -11.52 8.95 -3.65
N ARG A 31 -11.32 9.93 -4.53
CA ARG A 31 -11.69 9.82 -5.92
C ARG A 31 -10.41 9.79 -6.74
N TYR A 32 -10.30 8.84 -7.66
CA TYR A 32 -9.12 8.61 -8.50
C TYR A 32 -9.45 9.02 -9.93
N PRO A 33 -9.03 10.22 -10.36
CA PRO A 33 -9.40 10.65 -11.72
C PRO A 33 -8.91 9.71 -12.82
N SER A 34 -7.80 9.04 -12.61
CA SER A 34 -7.23 8.16 -13.63
C SER A 34 -8.06 6.91 -13.85
N LEU A 35 -8.98 6.58 -12.95
CA LEU A 35 -9.85 5.43 -13.17
C LEU A 35 -11.05 5.73 -14.05
N ALA A 36 -11.36 7.00 -14.27
CA ALA A 36 -12.53 7.31 -15.10
C ALA A 36 -12.30 6.82 -16.53
N GLY A 37 -13.20 5.96 -17.01
CA GLY A 37 -13.09 5.38 -18.35
C GLY A 37 -12.08 4.24 -18.47
N ARG A 38 -11.37 3.91 -17.41
CA ARG A 38 -10.33 2.87 -17.48
C ARG A 38 -10.96 1.49 -17.56
N ALA A 39 -10.48 0.64 -18.46
CA ALA A 39 -10.98 -0.72 -18.61
C ALA A 39 -10.37 -1.62 -17.53
N VAL A 40 -11.24 -2.16 -16.71
CA VAL A 40 -10.86 -2.96 -15.55
C VAL A 40 -11.60 -4.29 -15.61
N LEU A 41 -10.85 -5.38 -15.53
CA LEU A 41 -11.38 -6.74 -15.56
C LEU A 41 -11.19 -7.39 -14.20
N ILE A 42 -12.25 -7.93 -13.64
CA ILE A 42 -12.25 -8.58 -12.31
C ILE A 42 -12.75 -10.00 -12.45
N THR A 43 -11.99 -10.95 -11.94
CA THR A 43 -12.44 -12.34 -11.96
C THR A 43 -13.15 -12.66 -10.65
N GLY A 44 -14.06 -13.62 -10.72
CA GLY A 44 -14.86 -13.91 -9.56
C GLY A 44 -15.63 -12.69 -9.08
N GLY A 45 -16.16 -11.91 -10.03
CA GLY A 45 -16.70 -10.62 -9.70
C GLY A 45 -18.07 -10.58 -9.06
N ALA A 46 -18.80 -11.69 -9.06
CA ALA A 46 -20.23 -11.59 -8.76
C ALA A 46 -20.55 -11.61 -7.31
N THR A 47 -19.64 -12.12 -6.49
CA THR A 47 -19.89 -12.26 -5.05
C THR A 47 -18.67 -11.87 -4.25
N GLY A 48 -18.84 -11.76 -2.94
CA GLY A 48 -17.72 -11.57 -2.04
C GLY A 48 -16.98 -10.28 -2.29
N ILE A 49 -15.69 -10.32 -2.03
CA ILE A 49 -14.91 -9.14 -2.26
C ILE A 49 -14.92 -8.83 -3.74
N GLY A 50 -15.10 -9.83 -4.61
CA GLY A 50 -15.18 -9.59 -6.04
C GLY A 50 -16.23 -8.54 -6.39
N ALA A 51 -17.42 -8.67 -5.78
CA ALA A 51 -18.52 -7.74 -6.04
C ALA A 51 -18.18 -6.36 -5.52
N SER A 52 -17.45 -6.29 -4.41
CA SER A 52 -17.00 -5.02 -3.87
C SER A 52 -16.00 -4.35 -4.81
N PHE A 53 -15.10 -5.11 -5.41
CA PHE A 53 -14.21 -4.54 -6.41
C PHE A 53 -15.03 -4.00 -7.59
N VAL A 54 -15.98 -4.78 -8.09
CA VAL A 54 -16.80 -4.33 -9.23
C VAL A 54 -17.50 -3.03 -8.89
N GLU A 55 -18.14 -2.97 -7.72
CA GLU A 55 -18.88 -1.77 -7.34
C GLU A 55 -17.94 -0.57 -7.18
N HIS A 56 -16.81 -0.74 -6.49
CA HIS A 56 -15.92 0.39 -6.24
C HIS A 56 -15.39 0.93 -7.56
N PHE A 57 -14.92 0.06 -8.44
CA PHE A 57 -14.43 0.53 -9.72
C PHE A 57 -15.54 1.21 -10.54
N ALA A 58 -16.73 0.63 -10.52
CA ALA A 58 -17.84 1.22 -11.28
C ALA A 58 -18.15 2.61 -10.74
N ARG A 59 -18.13 2.78 -9.42
CA ARG A 59 -18.44 4.08 -8.82
C ARG A 59 -17.35 5.13 -9.03
N GLN A 60 -16.13 4.71 -9.36
CA GLN A 60 -15.04 5.59 -9.76
C GLN A 60 -15.12 5.95 -11.24
N GLY A 61 -16.11 5.41 -11.96
CA GLY A 61 -16.26 5.73 -13.36
C GLY A 61 -15.52 4.84 -14.32
N ALA A 62 -14.95 3.73 -13.81
CA ALA A 62 -14.26 2.82 -14.69
C ALA A 62 -15.22 2.08 -15.61
N ARG A 63 -14.69 1.52 -16.69
CA ARG A 63 -15.43 0.61 -17.56
C ARG A 63 -15.10 -0.80 -17.10
N VAL A 64 -15.97 -1.34 -16.26
CA VAL A 64 -15.72 -2.61 -15.59
C VAL A 64 -16.32 -3.78 -16.38
N ALA A 65 -15.55 -4.85 -16.43
CA ALA A 65 -16.05 -6.15 -16.82
C ALA A 65 -15.64 -7.16 -15.79
N PHE A 66 -16.45 -8.22 -15.67
CA PHE A 66 -16.10 -9.28 -14.78
C PHE A 66 -16.52 -10.63 -15.34
N VAL A 67 -15.88 -11.66 -14.82
CA VAL A 67 -16.29 -13.03 -15.07
C VAL A 67 -16.68 -13.67 -13.75
N ASP A 68 -17.60 -14.61 -13.83
CA ASP A 68 -18.04 -15.35 -12.67
C ASP A 68 -18.74 -16.61 -13.15
N LEU A 69 -18.72 -17.63 -12.31
CA LEU A 69 -19.42 -18.87 -12.57
C LEU A 69 -20.92 -18.70 -12.59
N ASP A 70 -21.42 -17.78 -11.77
CA ASP A 70 -22.83 -17.68 -11.47
C ASP A 70 -23.49 -16.56 -12.26
N GLU A 71 -24.15 -16.96 -13.34
CA GLU A 71 -24.77 -16.03 -14.26
CA GLU A 71 -24.80 -16.05 -14.28
C GLU A 71 -25.85 -15.19 -13.56
N GLN A 72 -26.62 -15.81 -12.69
CA GLN A 72 -27.68 -15.10 -11.99
C GLN A 72 -27.12 -14.00 -11.08
N ALA A 73 -26.10 -14.36 -10.30
CA ALA A 73 -25.47 -13.38 -9.40
C ALA A 73 -24.82 -12.25 -10.23
N ALA A 74 -24.24 -12.60 -11.38
CA ALA A 74 -23.59 -11.61 -12.26
C ALA A 74 -24.63 -10.63 -12.81
N ARG A 75 -25.76 -11.17 -13.26
CA ARG A 75 -26.82 -10.35 -13.78
C ARG A 75 -27.32 -9.35 -12.74
N ALA A 76 -27.49 -9.84 -11.50
CA ALA A 76 -27.98 -9.00 -10.41
C ALA A 76 -27.01 -7.88 -10.10
N LEU A 77 -25.73 -8.19 -10.09
CA LEU A 77 -24.72 -7.20 -9.80
C LEU A 77 -24.69 -6.11 -10.86
N ALA A 78 -24.67 -6.49 -12.13
CA ALA A 78 -24.70 -5.50 -13.19
C ALA A 78 -25.96 -4.63 -13.10
N ALA A 79 -27.11 -5.25 -12.82
CA ALA A 79 -28.36 -4.52 -12.77
C ALA A 79 -28.34 -3.44 -11.70
N ARG A 80 -27.79 -3.76 -10.53
CA ARG A 80 -27.80 -2.77 -9.45
C ARG A 80 -26.70 -1.70 -9.59
N LEU A 81 -25.86 -1.84 -10.62
CA LEU A 81 -24.85 -0.86 -10.96
C LEU A 81 -25.12 -0.21 -12.30
N ALA A 82 -26.33 -0.35 -12.82
CA ALA A 82 -26.66 0.21 -14.14
C ALA A 82 -26.69 1.75 -14.15
N ASP A 83 -26.74 2.36 -12.97
CA ASP A 83 -26.70 3.82 -12.84
C ASP A 83 -25.28 4.38 -12.73
N ALA A 84 -24.25 3.54 -12.84
CA ALA A 84 -22.87 4.01 -12.91
C ALA A 84 -22.59 4.65 -14.26
N ALA A 85 -21.45 5.32 -14.37
CA ALA A 85 -21.06 5.91 -15.66
C ALA A 85 -21.08 4.87 -16.77
N HIS A 86 -20.59 3.68 -16.44
CA HIS A 86 -20.64 2.52 -17.30
C HIS A 86 -21.25 1.35 -16.56
N GLU A 87 -22.34 0.78 -17.07
CA GLU A 87 -22.88 -0.43 -16.51
C GLU A 87 -21.83 -1.52 -16.64
N PRO A 88 -21.50 -2.23 -15.57
CA PRO A 88 -20.56 -3.33 -15.72
C PRO A 88 -21.05 -4.39 -16.67
N VAL A 89 -20.11 -4.94 -17.44
CA VAL A 89 -20.44 -6.05 -18.32
C VAL A 89 -19.82 -7.32 -17.79
N PHE A 90 -20.32 -8.45 -18.22
CA PHE A 90 -19.81 -9.70 -17.74
C PHE A 90 -19.97 -10.84 -18.70
N VAL A 91 -19.20 -11.90 -18.43
CA VAL A 91 -19.33 -13.18 -19.10
C VAL A 91 -19.37 -14.23 -18.00
N ALA A 92 -20.39 -15.05 -18.01
CA ALA A 92 -20.48 -16.16 -17.06
C ALA A 92 -19.70 -17.31 -17.66
N CYS A 93 -18.74 -17.83 -16.92
CA CYS A 93 -17.95 -18.97 -17.36
C CYS A 93 -17.21 -19.59 -16.20
N ASP A 94 -16.61 -20.75 -16.47
CA ASP A 94 -15.90 -21.55 -15.48
C ASP A 94 -14.41 -21.33 -15.69
N LEU A 95 -13.74 -20.63 -14.77
CA LEU A 95 -12.32 -20.32 -15.10
CA LEU A 95 -12.31 -20.25 -14.84
C LEU A 95 -11.34 -21.44 -14.73
N THR A 96 -11.86 -22.59 -14.35
CA THR A 96 -11.03 -23.80 -14.37
C THR A 96 -10.83 -24.26 -15.82
N ASP A 97 -11.63 -23.73 -16.73
CA ASP A 97 -11.52 -24.02 -18.15
C ASP A 97 -10.79 -22.85 -18.82
N ILE A 98 -9.51 -23.03 -19.11
CA ILE A 98 -8.71 -21.93 -19.62
C ILE A 98 -9.20 -21.48 -21.01
N ALA A 99 -9.67 -22.40 -21.84
CA ALA A 99 -10.26 -22.01 -23.11
C ALA A 99 -11.45 -21.07 -22.92
N ALA A 100 -12.29 -21.38 -21.95
CA ALA A 100 -13.46 -20.54 -21.66
C ALA A 100 -13.02 -19.18 -21.11
N LEU A 101 -12.04 -19.18 -20.22
CA LEU A 101 -11.51 -17.91 -19.71
C LEU A 101 -10.95 -17.03 -20.82
N ARG A 102 -10.16 -17.63 -21.70
CA ARG A 102 -9.58 -16.88 -22.80
C ARG A 102 -10.68 -16.33 -23.73
N GLY A 103 -11.68 -17.15 -24.02
CA GLY A 103 -12.80 -16.68 -24.85
C GLY A 103 -13.57 -15.55 -24.20
N ALA A 104 -13.77 -15.65 -22.89
CA ALA A 104 -14.45 -14.59 -22.16
C ALA A 104 -13.67 -13.28 -22.20
N ILE A 105 -12.36 -13.36 -21.99
CA ILE A 105 -11.54 -12.16 -22.02
C ILE A 105 -11.55 -11.54 -23.42
N GLU A 106 -11.51 -12.36 -24.45
CA GLU A 106 -11.59 -11.84 -25.81
C GLU A 106 -12.93 -11.14 -26.07
N ALA A 107 -14.04 -11.71 -25.60
CA ALA A 107 -15.35 -11.10 -25.76
C ALA A 107 -15.44 -9.78 -24.98
N ILE A 108 -14.87 -9.78 -23.77
CA ILE A 108 -14.83 -8.57 -22.96
C ILE A 108 -14.01 -7.46 -23.60
N ARG A 109 -12.85 -7.81 -24.15
CA ARG A 109 -12.01 -6.83 -24.80
C ARG A 109 -12.75 -6.20 -25.98
N ALA A 110 -13.52 -7.01 -26.72
CA ALA A 110 -14.40 -6.44 -27.75
C ALA A 110 -15.37 -5.38 -27.19
N ARG A 111 -15.89 -5.58 -25.97
N ARG A 111 -15.87 -5.60 -25.98
CA ARG A 111 -16.89 -4.66 -25.37
CA ARG A 111 -16.85 -4.71 -25.35
C ARG A 111 -16.34 -3.47 -24.56
C ARG A 111 -16.28 -3.47 -24.67
N ILE A 112 -15.18 -3.64 -23.93
CA ILE A 112 -14.59 -2.55 -23.10
C ILE A 112 -13.26 -1.97 -23.62
N GLY A 113 -12.68 -2.56 -24.67
CA GLY A 113 -11.36 -2.16 -25.20
C GLY A 113 -10.21 -2.88 -24.49
N PRO A 114 -8.96 -2.46 -24.75
CA PRO A 114 -7.81 -3.10 -24.10
C PRO A 114 -7.87 -2.94 -22.59
N ILE A 115 -7.51 -4.01 -21.90
CA ILE A 115 -7.59 -4.07 -20.47
C ILE A 115 -6.39 -3.37 -19.83
N ALA A 116 -6.66 -2.38 -18.98
CA ALA A 116 -5.64 -1.61 -18.27
C ALA A 116 -5.35 -2.10 -16.85
N ALA A 117 -6.34 -2.76 -16.24
CA ALA A 117 -6.18 -3.30 -14.88
C ALA A 117 -6.92 -4.61 -14.79
N LEU A 118 -6.27 -5.57 -14.17
CA LEU A 118 -6.81 -6.90 -13.95
C LEU A 118 -6.76 -7.20 -12.48
N VAL A 119 -7.88 -7.60 -11.91
CA VAL A 119 -7.95 -8.04 -10.53
C VAL A 119 -8.26 -9.53 -10.56
N ASN A 120 -7.23 -10.32 -10.24
CA ASN A 120 -7.28 -11.78 -10.28
C ASN A 120 -7.76 -12.26 -8.91
N ASN A 121 -9.09 -12.31 -8.77
CA ASN A 121 -9.75 -12.48 -7.49
C ASN A 121 -10.37 -13.85 -7.26
N ALA A 122 -10.83 -14.53 -8.29
CA ALA A 122 -11.62 -15.75 -8.07
C ALA A 122 -10.84 -16.75 -7.22
N ALA A 123 -11.52 -17.40 -6.29
CA ALA A 123 -10.87 -18.29 -5.35
C ALA A 123 -11.92 -19.22 -4.75
N ASN A 124 -11.43 -20.28 -4.10
CA ASN A 124 -12.28 -21.18 -3.34
C ASN A 124 -11.49 -21.78 -2.18
N ASP A 125 -11.84 -21.37 -0.98
CA ASP A 125 -11.14 -21.79 0.25
C ASP A 125 -11.80 -22.97 0.96
N VAL A 126 -12.53 -23.80 0.24
CA VAL A 126 -13.23 -24.92 0.87
C VAL A 126 -12.22 -25.78 1.67
N ARG A 127 -12.63 -26.16 2.87
CA ARG A 127 -11.75 -26.92 3.74
CA ARG A 127 -11.76 -26.92 3.76
C ARG A 127 -11.57 -28.33 3.24
N HIS A 128 -10.41 -28.89 3.54
CA HIS A 128 -10.08 -30.24 3.16
C HIS A 128 -9.03 -30.78 4.11
N ALA A 129 -9.27 -32.00 4.60
CA ALA A 129 -8.34 -32.70 5.45
C ALA A 129 -7.17 -33.20 4.60
N ILE A 130 -5.97 -33.21 5.18
CA ILE A 130 -4.78 -33.72 4.48
C ILE A 130 -5.02 -35.11 3.89
N ALA A 131 -5.56 -36.01 4.71
CA ALA A 131 -5.74 -37.38 4.27
C ALA A 131 -6.79 -37.53 3.18
N ASP A 132 -7.65 -36.52 2.98
CA ASP A 132 -8.75 -36.64 2.01
C ASP A 132 -8.39 -36.10 0.64
N VAL A 133 -7.24 -35.43 0.53
CA VAL A 133 -6.84 -34.87 -0.75
C VAL A 133 -6.50 -35.99 -1.73
N THR A 134 -7.05 -35.90 -2.92
CA THR A 134 -6.75 -36.84 -4.03
C THR A 134 -6.01 -36.09 -5.14
N PRO A 135 -5.41 -36.81 -6.10
CA PRO A 135 -4.78 -36.06 -7.18
C PRO A 135 -5.77 -35.12 -7.89
N ASP A 136 -6.99 -35.59 -8.15
CA ASP A 136 -8.02 -34.76 -8.77
CA ASP A 136 -7.93 -34.73 -8.83
C ASP A 136 -8.36 -33.53 -7.94
N SER A 137 -8.51 -33.71 -6.64
CA SER A 137 -8.94 -32.61 -5.76
C SER A 137 -7.81 -31.59 -5.59
N PHE A 138 -6.57 -32.09 -5.53
CA PHE A 138 -5.40 -31.22 -5.55
C PHE A 138 -5.44 -30.35 -6.81
N ASP A 139 -5.58 -31.00 -7.95
CA ASP A 139 -5.55 -30.29 -9.23
C ASP A 139 -6.68 -29.28 -9.30
N ALA A 140 -7.86 -29.65 -8.83
CA ALA A 140 -9.00 -28.73 -8.87
C ALA A 140 -8.75 -27.49 -8.00
N CYS A 141 -8.13 -27.69 -6.84
CA CYS A 141 -7.83 -26.57 -5.94
C CYS A 141 -6.82 -25.63 -6.60
N ILE A 142 -5.78 -26.16 -7.27
CA ILE A 142 -4.84 -25.33 -7.98
C ILE A 142 -5.56 -24.62 -9.13
N ALA A 143 -6.45 -25.31 -9.83
CA ALA A 143 -7.15 -24.73 -10.95
C ALA A 143 -8.01 -23.54 -10.57
N VAL A 144 -8.71 -23.63 -9.43
CA VAL A 144 -9.67 -22.60 -9.04
C VAL A 144 -9.04 -21.49 -8.24
N ASN A 145 -7.82 -21.70 -7.72
CA ASN A 145 -7.14 -20.68 -6.92
C ASN A 145 -5.92 -20.02 -7.54
N LEU A 146 -5.12 -20.76 -8.29
CA LEU A 146 -3.87 -20.23 -8.82
C LEU A 146 -3.86 -20.16 -10.34
N ARG A 147 -4.24 -21.24 -11.01
CA ARG A 147 -3.98 -21.39 -12.41
C ARG A 147 -4.59 -20.28 -13.25
N HIS A 148 -5.82 -19.91 -12.97
CA HIS A 148 -6.50 -18.88 -13.73
C HIS A 148 -5.85 -17.53 -13.57
N GLN A 149 -5.17 -17.28 -12.44
CA GLN A 149 -4.44 -16.01 -12.29
CA GLN A 149 -4.45 -16.00 -12.29
C GLN A 149 -3.35 -15.86 -13.34
N PHE A 150 -2.61 -16.93 -13.55
CA PHE A 150 -1.60 -16.93 -14.56
C PHE A 150 -2.22 -16.69 -15.93
N PHE A 151 -3.25 -17.45 -16.26
CA PHE A 151 -3.76 -17.38 -17.63
C PHE A 151 -4.51 -16.09 -17.92
N ALA A 152 -5.18 -15.52 -16.92
CA ALA A 152 -5.78 -14.21 -17.12
C ALA A 152 -4.71 -13.14 -17.36
N ALA A 153 -3.62 -13.17 -16.57
CA ALA A 153 -2.52 -12.28 -16.79
C ALA A 153 -1.94 -12.45 -18.20
N GLN A 154 -1.71 -13.70 -18.59
CA GLN A 154 -1.14 -13.99 -19.90
C GLN A 154 -1.97 -13.33 -20.98
N ALA A 155 -3.29 -13.36 -20.82
CA ALA A 155 -4.23 -12.87 -21.81
C ALA A 155 -4.35 -11.34 -21.91
N VAL A 156 -3.85 -10.60 -20.92
CA VAL A 156 -3.94 -9.13 -20.92
C VAL A 156 -2.60 -8.43 -21.11
N ILE A 157 -1.50 -9.17 -21.17
CA ILE A 157 -0.17 -8.54 -21.27
C ILE A 157 -0.05 -7.70 -22.52
N ASP A 158 -0.49 -8.22 -23.65
CA ASP A 158 -0.33 -7.47 -24.89
C ASP A 158 -1.12 -6.15 -24.86
N ASP A 159 -2.33 -6.19 -24.33
CA ASP A 159 -3.08 -4.97 -24.15
C ASP A 159 -2.32 -3.94 -23.33
N MET A 160 -1.82 -4.36 -22.17
CA MET A 160 -1.09 -3.43 -21.30
C MET A 160 0.18 -2.92 -21.98
N LYS A 161 0.90 -3.78 -22.73
CA LYS A 161 2.04 -3.29 -23.46
CA LYS A 161 2.04 -3.30 -23.49
C LYS A 161 1.61 -2.21 -24.46
N ARG A 162 0.52 -2.45 -25.18
N ARG A 162 0.50 -2.45 -25.16
CA ARG A 162 0.03 -1.45 -26.13
CA ARG A 162 0.03 -1.50 -26.15
C ARG A 162 -0.33 -0.15 -25.42
C ARG A 162 -0.51 -0.20 -25.52
N LEU A 163 -1.02 -0.26 -24.29
CA LEU A 163 -1.42 0.92 -23.54
C LEU A 163 -0.27 1.71 -22.90
N GLY A 164 0.91 1.13 -22.84
CA GLY A 164 2.05 1.75 -22.20
C GLY A 164 2.08 1.56 -20.69
N GLY A 165 1.36 0.55 -20.21
CA GLY A 165 1.39 0.22 -18.80
C GLY A 165 0.10 -0.39 -18.36
N GLY A 166 0.03 -0.74 -17.09
CA GLY A 166 -1.12 -1.38 -16.53
C GLY A 166 -0.83 -1.90 -15.15
N SER A 167 -1.84 -2.52 -14.57
CA SER A 167 -1.74 -3.01 -13.19
C SER A 167 -2.47 -4.33 -13.08
N ILE A 168 -1.76 -5.34 -12.59
CA ILE A 168 -2.27 -6.67 -12.34
C ILE A 168 -2.24 -6.87 -10.83
N VAL A 169 -3.41 -7.10 -10.24
CA VAL A 169 -3.59 -7.28 -8.81
C VAL A 169 -4.02 -8.71 -8.58
N ASN A 170 -3.12 -9.51 -7.98
CA ASN A 170 -3.37 -10.92 -7.72
C ASN A 170 -3.82 -11.08 -6.29
N LEU A 171 -4.93 -11.75 -6.06
CA LEU A 171 -5.41 -11.97 -4.69
C LEU A 171 -4.63 -13.10 -4.02
N GLY A 172 -4.06 -12.76 -2.86
CA GLY A 172 -3.40 -13.70 -1.96
C GLY A 172 -4.29 -13.97 -0.75
N SER A 173 -3.67 -14.35 0.35
CA SER A 173 -4.39 -14.71 1.57
C SER A 173 -3.43 -14.70 2.74
N ILE A 174 -3.93 -14.32 3.93
CA ILE A 174 -3.13 -14.47 5.13
C ILE A 174 -3.18 -15.89 5.68
N SER A 175 -4.00 -16.77 5.11
CA SER A 175 -4.13 -18.14 5.59
C SER A 175 -2.79 -18.83 5.84
N TRP A 176 -1.94 -18.82 4.84
CA TRP A 176 -0.66 -19.49 4.92
C TRP A 176 0.34 -18.72 5.78
N MET A 177 0.14 -17.42 5.86
CA MET A 177 0.99 -16.58 6.72
CA MET A 177 0.99 -16.59 6.73
C MET A 177 0.78 -16.92 8.19
N LEU A 178 -0.47 -17.12 8.55
CA LEU A 178 -0.82 -17.55 9.92
C LEU A 178 -0.59 -19.04 10.14
N LYS A 179 -0.19 -19.77 9.10
CA LYS A 179 -0.03 -21.21 9.16
C LYS A 179 -1.35 -21.85 9.61
N ASN A 180 -2.46 -21.43 9.00
CA ASN A 180 -3.74 -22.05 9.31
C ASN A 180 -3.80 -23.50 8.84
N ALA A 181 -4.37 -24.33 9.71
CA ALA A 181 -4.79 -25.68 9.36
C ALA A 181 -6.11 -25.61 8.59
N GLY A 182 -6.49 -26.74 7.98
CA GLY A 182 -7.80 -26.91 7.40
C GLY A 182 -7.91 -26.93 5.91
N TYR A 183 -6.85 -26.57 5.20
CA TYR A 183 -6.90 -26.45 3.72
C TYR A 183 -5.51 -26.34 3.11
N PRO A 184 -4.69 -27.40 3.26
CA PRO A 184 -3.30 -27.26 2.87
C PRO A 184 -3.04 -26.92 1.39
N VAL A 185 -3.87 -27.40 0.48
CA VAL A 185 -3.67 -27.07 -0.92
C VAL A 185 -4.05 -25.63 -1.21
N TYR A 186 -5.03 -25.10 -0.49
CA TYR A 186 -5.38 -23.67 -0.61
C TYR A 186 -4.24 -22.81 -0.10
N ALA A 187 -3.69 -23.15 1.06
CA ALA A 187 -2.54 -22.44 1.59
C ALA A 187 -1.38 -22.44 0.59
N SER A 188 -1.12 -23.60 0.00
CA SER A 188 -0.11 -23.74 -1.04
CA SER A 188 -0.10 -23.69 -1.00
C SER A 188 -0.39 -22.84 -2.24
N ALA A 189 -1.62 -22.90 -2.75
CA ALA A 189 -1.99 -22.11 -3.92
C ALA A 189 -1.88 -20.62 -3.67
N LYS A 190 -2.23 -20.18 -2.46
CA LYS A 190 -2.17 -18.76 -2.16
C LYS A 190 -0.74 -18.28 -1.91
N ALA A 191 0.10 -19.13 -1.32
CA ALA A 191 1.54 -18.79 -1.21
C ALA A 191 2.17 -18.70 -2.60
N ALA A 192 1.72 -19.54 -3.53
CA ALA A 192 2.23 -19.58 -4.90
C ALA A 192 2.06 -18.23 -5.56
N VAL A 193 1.03 -17.47 -5.22
CA VAL A 193 0.75 -16.18 -5.82
C VAL A 193 1.96 -15.25 -5.64
N GLN A 194 2.70 -15.38 -4.53
CA GLN A 194 3.92 -14.56 -4.38
CA GLN A 194 3.85 -14.54 -4.38
C GLN A 194 4.87 -14.78 -5.51
N GLY A 195 5.09 -16.04 -5.84
CA GLY A 195 6.02 -16.32 -6.92
C GLY A 195 5.50 -15.84 -8.26
N LEU A 196 4.22 -16.04 -8.51
CA LEU A 196 3.60 -15.55 -9.75
C LEU A 196 3.75 -14.04 -9.88
N THR A 197 3.39 -13.32 -8.82
CA THR A 197 3.51 -11.86 -8.79
C THR A 197 4.92 -11.40 -9.08
N ARG A 198 5.87 -11.97 -8.38
CA ARG A 198 7.24 -11.50 -8.49
C ARG A 198 7.83 -11.81 -9.88
N ALA A 199 7.58 -13.01 -10.38
CA ALA A 199 8.05 -13.41 -11.69
C ALA A 199 7.45 -12.50 -12.76
N LEU A 200 6.17 -12.26 -12.71
CA LEU A 200 5.54 -11.38 -13.68
C LEU A 200 6.00 -9.95 -13.54
N ALA A 201 6.19 -9.47 -12.31
CA ALA A 201 6.62 -8.12 -12.10
C ALA A 201 7.98 -7.88 -12.80
N ARG A 202 8.89 -8.85 -12.73
CA ARG A 202 10.19 -8.69 -13.35
C ARG A 202 10.08 -8.58 -14.87
N GLU A 203 9.29 -9.45 -15.47
CA GLU A 203 9.22 -9.45 -16.92
C GLU A 203 8.40 -8.33 -17.51
N LEU A 204 7.42 -7.84 -16.74
CA LEU A 204 6.46 -6.86 -17.23
C LEU A 204 6.82 -5.42 -16.88
N GLY A 205 7.65 -5.25 -15.86
CA GLY A 205 8.08 -3.93 -15.45
C GLY A 205 8.74 -3.10 -16.52
N PRO A 206 9.51 -3.68 -17.49
CA PRO A 206 10.08 -2.89 -18.59
C PRO A 206 9.01 -2.17 -19.45
N PHE A 207 7.76 -2.60 -19.33
CA PHE A 207 6.66 -1.99 -20.08
C PHE A 207 5.77 -1.12 -19.22
N GLY A 208 6.14 -0.84 -17.96
N GLY A 208 6.21 -0.90 -17.98
CA GLY A 208 5.29 -0.04 -17.07
CA GLY A 208 5.50 -0.08 -17.04
C GLY A 208 4.09 -0.83 -16.58
C GLY A 208 4.44 -0.82 -16.25
N ILE A 209 4.24 -2.13 -16.53
CA ILE A 209 3.18 -2.92 -15.96
C ILE A 209 3.59 -3.31 -14.57
N ARG A 210 2.71 -3.00 -13.61
CA ARG A 210 2.91 -3.35 -12.20
C ARG A 210 2.14 -4.63 -11.91
N VAL A 211 2.72 -5.47 -11.07
CA VAL A 211 2.07 -6.70 -10.63
C VAL A 211 2.26 -6.78 -9.12
N ASN A 212 1.16 -6.88 -8.37
CA ASN A 212 1.20 -6.90 -6.91
C ASN A 212 0.26 -7.96 -6.43
N THR A 213 0.54 -8.47 -5.24
CA THR A 213 -0.39 -9.34 -4.53
C THR A 213 -1.15 -8.54 -3.49
N LEU A 214 -2.47 -8.59 -3.54
CA LEU A 214 -3.31 -7.96 -2.55
C LEU A 214 -3.78 -9.05 -1.59
N VAL A 215 -3.49 -8.85 -0.31
CA VAL A 215 -3.66 -9.89 0.70
C VAL A 215 -4.70 -9.48 1.74
N PRO A 216 -5.92 -10.04 1.67
CA PRO A 216 -6.91 -9.71 2.68
C PRO A 216 -6.68 -10.45 3.98
N GLY A 217 -7.09 -9.84 5.08
CA GLY A 217 -7.29 -10.52 6.35
C GLY A 217 -8.60 -11.27 6.40
N TRP A 218 -9.20 -11.31 7.58
CA TRP A 218 -10.49 -11.97 7.79
C TRP A 218 -11.58 -10.96 7.48
N VAL A 219 -12.09 -11.03 6.27
CA VAL A 219 -13.04 -10.04 5.79
C VAL A 219 -14.44 -10.48 6.14
N MET A 220 -15.19 -9.54 6.70
CA MET A 220 -16.58 -9.78 7.05
C MET A 220 -17.39 -9.51 5.81
N THR A 221 -17.52 -10.53 4.98
CA THR A 221 -18.49 -10.55 3.88
C THR A 221 -19.85 -10.96 4.41
N GLN A 224 -20.09 -14.23 6.66
CA GLN A 224 -19.45 -14.38 7.96
C GLN A 224 -19.27 -13.01 8.63
N ARG A 225 -19.47 -12.96 9.95
CA ARG A 225 -19.18 -11.74 10.72
C ARG A 225 -18.88 -12.07 12.17
N ARG A 226 -18.18 -11.17 12.87
CA ARG A 226 -17.68 -11.44 14.22
C ARG A 226 -18.79 -11.89 15.16
N LEU A 227 -19.93 -11.23 15.07
CA LEU A 227 -21.06 -11.52 15.94
C LEU A 227 -21.56 -12.96 15.89
N TRP A 228 -21.41 -13.59 14.73
CA TRP A 228 -21.94 -14.94 14.52
C TRP A 228 -20.97 -16.03 14.94
N LEU A 229 -19.75 -15.65 15.33
CA LEU A 229 -18.74 -16.60 15.78
C LEU A 229 -19.02 -16.99 17.23
N ASP A 230 -18.39 -18.06 17.72
CA ASP A 230 -18.41 -18.34 19.16
C ASP A 230 -17.43 -17.42 19.88
N ASP A 231 -17.41 -17.48 21.21
CA ASP A 231 -16.53 -16.62 22.01
C ASP A 231 -15.06 -16.75 21.59
N ALA A 232 -14.62 -17.99 21.35
CA ALA A 232 -13.24 -18.28 20.98
C ALA A 232 -12.87 -17.68 19.62
N GLY A 233 -13.81 -17.73 18.67
CA GLY A 233 -13.59 -17.18 17.34
C GLY A 233 -13.41 -15.66 17.39
N ARG A 234 -14.29 -14.99 18.12
CA ARG A 234 -14.18 -13.54 18.31
C ARG A 234 -12.87 -13.17 18.97
N ALA A 235 -12.50 -13.94 20.00
CA ALA A 235 -11.26 -13.71 20.72
C ALA A 235 -10.07 -13.86 19.80
N ALA A 236 -10.10 -14.82 18.89
CA ALA A 236 -8.99 -15.04 17.96
C ALA A 236 -8.74 -13.83 17.02
N ILE A 237 -9.81 -13.27 16.48
CA ILE A 237 -9.70 -12.08 15.66
C ILE A 237 -9.25 -10.89 16.51
N LYS A 238 -9.80 -10.74 17.72
CA LYS A 238 -9.41 -9.61 18.58
C LYS A 238 -7.93 -9.71 19.01
N ALA A 239 -7.47 -10.93 19.30
CA ALA A 239 -6.09 -11.16 19.67
C ALA A 239 -5.15 -11.03 18.48
N GLY A 240 -5.64 -11.42 17.29
CA GLY A 240 -4.82 -11.43 16.11
C GLY A 240 -4.63 -10.03 15.56
N GLN A 241 -5.75 -9.37 15.25
CA GLN A 241 -5.66 -8.02 14.72
C GLN A 241 -5.12 -7.06 15.76
N CYS A 242 -4.35 -6.08 15.31
CA CYS A 242 -3.99 -4.94 16.17
C CYS A 242 -5.16 -4.01 16.42
N ILE A 243 -6.03 -3.86 15.42
CA ILE A 243 -7.19 -2.98 15.48
C ILE A 243 -8.43 -3.85 15.72
N ASP A 244 -9.20 -3.56 16.77
CA ASP A 244 -10.39 -4.32 17.13
C ASP A 244 -11.60 -3.72 16.40
N ALA A 245 -11.65 -3.98 15.10
CA ALA A 245 -12.73 -3.54 14.22
C ALA A 245 -12.90 -4.60 13.17
N GLU A 246 -14.08 -4.70 12.58
CA GLU A 246 -14.31 -5.67 11.49
C GLU A 246 -13.72 -5.16 10.19
N LEU A 247 -12.89 -6.00 9.58
CA LEU A 247 -12.38 -5.77 8.25
C LEU A 247 -13.53 -5.96 7.25
N LEU A 248 -13.70 -5.02 6.33
CA LEU A 248 -14.81 -5.05 5.38
C LEU A 248 -14.31 -5.15 3.95
N PRO A 249 -15.18 -5.56 3.03
CA PRO A 249 -14.77 -5.62 1.63
C PRO A 249 -14.22 -4.29 1.13
N GLY A 250 -14.80 -3.18 1.57
CA GLY A 250 -14.35 -1.87 1.10
C GLY A 250 -12.92 -1.54 1.48
N ASP A 251 -12.42 -2.08 2.59
CA ASP A 251 -11.04 -1.89 2.94
C ASP A 251 -10.12 -2.45 1.84
N LEU A 252 -10.47 -3.63 1.35
CA LEU A 252 -9.71 -4.26 0.27
C LEU A 252 -9.95 -3.53 -1.03
N ALA A 253 -11.19 -3.15 -1.32
CA ALA A 253 -11.51 -2.51 -2.60
C ALA A 253 -10.82 -1.19 -2.75
N ARG A 254 -10.72 -0.39 -1.70
CA ARG A 254 -10.03 0.88 -1.81
C ARG A 254 -8.56 0.70 -2.09
N MET A 255 -7.95 -0.32 -1.49
CA MET A 255 -6.54 -0.63 -1.79
C MET A 255 -6.38 -1.02 -3.26
N ALA A 256 -7.31 -1.81 -3.80
CA ALA A 256 -7.25 -2.18 -5.22
C ALA A 256 -7.40 -0.96 -6.12
N LEU A 257 -8.26 -0.02 -5.75
CA LEU A 257 -8.41 1.21 -6.54
C LEU A 257 -7.06 1.91 -6.65
N PHE A 258 -6.40 2.10 -5.50
CA PHE A 258 -5.10 2.78 -5.49
C PHE A 258 -4.09 2.03 -6.31
N LEU A 259 -4.06 0.70 -6.20
CA LEU A 259 -3.12 -0.12 -6.99
C LEU A 259 -3.38 -0.08 -8.48
N ALA A 260 -4.62 0.14 -8.91
CA ALA A 260 -4.96 0.19 -10.33
C ALA A 260 -4.82 1.59 -10.92
N ALA A 261 -4.89 2.60 -10.06
CA ALA A 261 -4.85 4.00 -10.46
C ALA A 261 -3.41 4.42 -10.77
N ASP A 262 -3.24 5.56 -11.46
CA ASP A 262 -1.90 6.07 -11.75
C ASP A 262 -1.09 6.33 -10.49
N ASP A 263 -1.77 6.52 -9.36
CA ASP A 263 -1.14 6.91 -8.10
C ASP A 263 -0.07 5.97 -7.61
N SER A 264 -0.13 4.71 -8.02
CA SER A 264 0.75 3.65 -7.56
C SER A 264 1.72 3.15 -8.64
N ARG A 265 2.04 4.03 -9.61
CA ARG A 265 2.87 3.65 -10.77
C ARG A 265 4.21 2.99 -10.46
N MET A 266 4.84 3.26 -9.31
CA MET A 266 6.12 2.65 -8.97
C MET A 266 6.05 1.55 -7.92
N ILE A 267 4.85 1.14 -7.57
CA ILE A 267 4.62 0.04 -6.63
C ILE A 267 4.39 -1.23 -7.43
N THR A 268 5.34 -2.16 -7.31
CA THR A 268 5.26 -3.42 -7.99
C THR A 268 6.01 -4.47 -7.19
N ALA A 269 5.60 -5.71 -7.40
CA ALA A 269 6.18 -6.88 -6.75
C ALA A 269 5.91 -6.92 -5.25
N GLN A 270 4.88 -6.26 -4.76
CA GLN A 270 4.61 -6.20 -3.33
C GLN A 270 3.54 -7.19 -2.90
N ASP A 271 3.59 -7.52 -1.60
CA ASP A 271 2.52 -8.21 -0.88
C ASP A 271 1.83 -7.18 -0.01
N VAL A 272 0.72 -6.66 -0.53
CA VAL A 272 0.04 -5.53 0.02
C VAL A 272 -1.06 -6.08 0.94
N VAL A 273 -0.82 -6.05 2.25
CA VAL A 273 -1.67 -6.72 3.21
C VAL A 273 -2.62 -5.71 3.85
N VAL A 274 -3.91 -6.05 3.82
CA VAL A 274 -4.99 -5.23 4.41
C VAL A 274 -5.75 -6.14 5.37
N ASP A 275 -5.34 -6.10 6.63
CA ASP A 275 -5.75 -7.15 7.57
C ASP A 275 -5.84 -6.70 9.02
N GLY A 276 -5.82 -5.41 9.30
CA GLY A 276 -5.90 -4.96 10.67
C GLY A 276 -4.67 -5.27 11.51
N GLY A 277 -3.56 -5.66 10.89
CA GLY A 277 -2.35 -5.94 11.63
C GLY A 277 -2.18 -7.35 12.14
N TRP A 278 -2.93 -8.32 11.60
CA TRP A 278 -2.88 -9.70 12.09
C TRP A 278 -1.64 -10.47 11.67
N ALA A 279 -1.43 -10.63 10.37
CA ALA A 279 -0.38 -11.50 9.85
C ALA A 279 1.01 -10.93 10.06
N ASP B 26 -1.11 17.67 -9.71
CA ASP B 26 -1.42 16.99 -11.00
C ASP B 26 -2.81 16.36 -10.93
N GLU B 27 -3.65 16.75 -11.90
CA GLU B 27 -5.06 16.42 -11.91
C GLU B 27 -5.34 14.94 -12.12
N ARG B 28 -4.32 14.16 -12.47
CA ARG B 28 -4.53 12.73 -12.67
C ARG B 28 -4.61 11.99 -11.35
N TYR B 29 -4.08 12.54 -10.27
CA TYR B 29 -3.96 11.81 -9.02
C TYR B 29 -5.13 12.05 -8.05
N ALA B 30 -5.23 11.18 -7.08
CA ALA B 30 -6.35 11.17 -6.16
C ALA B 30 -6.48 12.43 -5.33
N ARG B 31 -7.72 12.72 -4.98
CA ARG B 31 -8.09 13.68 -3.98
C ARG B 31 -8.70 12.92 -2.80
N TYR B 32 -8.21 13.20 -1.60
CA TYR B 32 -8.63 12.51 -0.38
C TYR B 32 -9.45 13.47 0.48
N PRO B 33 -10.79 13.38 0.42
CA PRO B 33 -11.60 14.34 1.20
C PRO B 33 -11.26 14.38 2.68
N SER B 34 -10.88 13.25 3.25
CA SER B 34 -10.61 13.17 4.68
C SER B 34 -9.37 13.92 5.12
N LEU B 35 -8.51 14.31 4.18
CA LEU B 35 -7.34 15.10 4.53
C LEU B 35 -7.62 16.60 4.65
N ALA B 36 -8.75 17.07 4.14
CA ALA B 36 -9.04 18.48 4.21
C ALA B 36 -9.17 18.91 5.69
N GLY B 37 -8.35 19.87 6.09
CA GLY B 37 -8.37 20.38 7.44
C GLY B 37 -7.62 19.51 8.45
N ARG B 38 -7.15 18.34 8.05
CA ARG B 38 -6.51 17.40 8.99
C ARG B 38 -5.13 17.91 9.41
N ALA B 39 -4.86 17.82 10.71
CA ALA B 39 -3.57 18.23 11.27
C ALA B 39 -2.52 17.14 11.03
N VAL B 40 -1.48 17.51 10.28
CA VAL B 40 -0.44 16.59 9.82
C VAL B 40 0.91 17.18 10.18
N LEU B 41 1.72 16.40 10.91
CA LEU B 41 3.07 16.79 11.33
C LEU B 41 4.09 15.95 10.58
N ILE B 42 5.06 16.61 9.95
N ILE B 42 5.00 16.61 9.86
CA ILE B 42 6.10 15.93 9.18
CA ILE B 42 6.10 15.96 9.11
C ILE B 42 7.45 16.34 9.76
C ILE B 42 7.44 16.34 9.76
N THR B 43 8.28 15.36 10.09
CA THR B 43 9.65 15.68 10.55
C THR B 43 10.60 15.69 9.37
N GLY B 44 11.66 16.50 9.48
CA GLY B 44 12.59 16.66 8.37
C GLY B 44 11.88 17.13 7.11
N GLY B 45 10.98 18.07 7.26
CA GLY B 45 10.08 18.45 6.19
C GLY B 45 10.59 19.46 5.18
N ALA B 46 11.76 20.03 5.41
CA ALA B 46 12.18 21.16 4.59
C ALA B 46 12.75 20.79 3.23
N THR B 47 13.25 19.57 3.07
CA THR B 47 13.95 19.18 1.85
C THR B 47 13.63 17.73 1.52
N GLY B 48 14.00 17.30 0.33
CA GLY B 48 13.90 15.91 -0.05
C GLY B 48 12.49 15.39 -0.02
N ILE B 49 12.35 14.11 0.29
CA ILE B 49 11.00 13.55 0.36
C ILE B 49 10.15 14.22 1.44
N GLY B 50 10.77 14.69 2.50
CA GLY B 50 10.06 15.47 3.52
C GLY B 50 9.29 16.65 2.94
N ALA B 51 9.95 17.40 2.07
CA ALA B 51 9.30 18.54 1.42
C ALA B 51 8.18 18.08 0.51
N SER B 52 8.36 16.95 -0.18
CA SER B 52 7.30 16.40 -0.99
C SER B 52 6.08 16.01 -0.15
N PHE B 53 6.30 15.42 1.04
CA PHE B 53 5.19 15.15 1.93
C PHE B 53 4.46 16.46 2.30
N VAL B 54 5.22 17.48 2.67
CA VAL B 54 4.62 18.76 3.05
C VAL B 54 3.77 19.31 1.90
N GLU B 55 4.34 19.33 0.70
CA GLU B 55 3.62 19.84 -0.45
C GLU B 55 2.35 19.05 -0.73
N HIS B 56 2.48 17.72 -0.77
CA HIS B 56 1.32 16.89 -1.12
C HIS B 56 0.20 17.08 -0.09
N PHE B 57 0.52 17.01 1.20
CA PHE B 57 -0.52 17.21 2.21
C PHE B 57 -1.13 18.62 2.12
N ALA B 58 -0.29 19.63 1.88
CA ALA B 58 -0.81 21.00 1.79
C ALA B 58 -1.78 21.11 0.62
N ARG B 59 -1.43 20.50 -0.50
CA ARG B 59 -2.29 20.54 -1.69
C ARG B 59 -3.57 19.74 -1.58
N GLN B 60 -3.63 18.81 -0.61
CA GLN B 60 -4.86 18.13 -0.27
C GLN B 60 -5.73 18.90 0.73
N GLY B 61 -5.26 20.06 1.16
CA GLY B 61 -6.02 20.89 2.07
C GLY B 61 -5.77 20.62 3.54
N ALA B 62 -4.76 19.82 3.86
CA ALA B 62 -4.43 19.54 5.24
C ALA B 62 -3.83 20.78 5.93
N ARG B 63 -3.89 20.78 7.26
CA ARG B 63 -3.22 21.79 8.09
CA ARG B 63 -3.23 21.78 8.06
C ARG B 63 -1.86 21.19 8.44
N VAL B 64 -0.83 21.53 7.66
CA VAL B 64 0.46 20.91 7.82
C VAL B 64 1.37 21.71 8.76
N ALA B 65 2.16 20.99 9.54
CA ALA B 65 3.28 21.57 10.23
C ALA B 65 4.49 20.67 9.99
N PHE B 66 5.68 21.27 10.04
CA PHE B 66 6.89 20.48 9.93
C PHE B 66 8.00 21.07 10.77
N VAL B 67 8.96 20.22 11.09
CA VAL B 67 10.15 20.58 11.80
C VAL B 67 11.35 20.23 10.92
N ASP B 68 12.43 20.98 11.08
CA ASP B 68 13.68 20.79 10.33
C ASP B 68 14.72 21.68 10.94
N LEU B 69 16.00 21.42 10.64
CA LEU B 69 17.04 22.34 11.06
C LEU B 69 17.28 23.43 10.04
N ASP B 70 16.85 23.22 8.80
CA ASP B 70 17.25 24.08 7.68
C ASP B 70 16.20 25.20 7.54
N GLU B 71 16.43 26.29 8.25
CA GLU B 71 15.43 27.33 8.35
C GLU B 71 15.19 28.03 7.01
N GLN B 72 16.25 28.22 6.23
CA GLN B 72 16.11 28.86 4.92
C GLN B 72 15.23 28.03 3.99
N ALA B 73 15.52 26.74 3.91
CA ALA B 73 14.72 25.83 3.10
C ALA B 73 13.28 25.80 3.60
N ALA B 74 13.10 25.78 4.92
CA ALA B 74 11.76 25.73 5.52
C ALA B 74 10.95 26.95 5.12
N ARG B 75 11.55 28.13 5.20
CA ARG B 75 10.83 29.36 4.84
CA ARG B 75 10.84 29.36 4.85
C ARG B 75 10.45 29.35 3.37
N ALA B 76 11.36 28.88 2.52
CA ALA B 76 11.08 28.78 1.07
C ALA B 76 9.91 27.85 0.78
N LEU B 77 9.87 26.74 1.49
CA LEU B 77 8.82 25.77 1.27
C LEU B 77 7.46 26.33 1.69
N ALA B 78 7.40 26.96 2.85
CA ALA B 78 6.15 27.57 3.30
C ALA B 78 5.73 28.66 2.32
N ALA B 79 6.67 29.47 1.84
CA ALA B 79 6.34 30.55 0.92
C ALA B 79 5.72 30.04 -0.40
N ARG B 80 6.24 28.96 -0.96
CA ARG B 80 5.71 28.46 -2.22
C ARG B 80 4.41 27.67 -2.04
N LEU B 81 4.02 27.43 -0.78
CA LEU B 81 2.77 26.77 -0.44
C LEU B 81 1.81 27.73 0.26
N ALA B 82 2.11 29.03 0.22
CA ALA B 82 1.27 30.03 0.90
C ALA B 82 -0.12 30.15 0.28
N ASP B 83 -0.26 29.67 -0.96
CA ASP B 83 -1.54 29.68 -1.67
C ASP B 83 -2.38 28.42 -1.46
N ALA B 84 -1.90 27.50 -0.64
CA ALA B 84 -2.70 26.34 -0.23
C ALA B 84 -3.82 26.77 0.70
N ALA B 85 -4.74 25.87 0.98
CA ALA B 85 -5.82 26.16 1.94
C ALA B 85 -5.24 26.64 3.27
N HIS B 86 -4.17 25.99 3.72
CA HIS B 86 -3.44 26.35 4.91
C HIS B 86 -1.96 26.46 4.61
N GLU B 87 -1.36 27.60 4.87
CA GLU B 87 0.08 27.71 4.73
C GLU B 87 0.73 26.79 5.76
N PRO B 88 1.69 25.93 5.34
CA PRO B 88 2.35 25.07 6.32
C PRO B 88 3.06 25.89 7.41
N VAL B 89 3.00 25.38 8.63
CA VAL B 89 3.64 25.93 9.83
C VAL B 89 4.99 25.25 10.00
N PHE B 90 6.01 26.02 10.35
CA PHE B 90 7.35 25.50 10.57
C PHE B 90 7.83 25.85 11.97
N VAL B 91 8.49 24.91 12.62
CA VAL B 91 9.29 25.20 13.81
C VAL B 91 10.65 24.56 13.61
N ALA B 92 11.69 25.37 13.75
CA ALA B 92 13.03 24.85 13.71
C ALA B 92 13.28 23.94 14.92
N CYS B 93 13.98 22.84 14.69
CA CYS B 93 14.22 21.89 15.78
C CYS B 93 15.34 20.97 15.35
N ASP B 94 16.27 20.73 16.28
CA ASP B 94 17.25 19.65 16.20
C ASP B 94 16.67 18.40 16.88
N LEU B 95 16.33 17.42 16.06
CA LEU B 95 15.61 16.26 16.56
CA LEU B 95 15.64 16.21 16.53
C LEU B 95 16.48 15.27 17.36
N THR B 96 17.79 15.53 17.45
CA THR B 96 18.60 14.79 18.41
C THR B 96 18.33 15.27 19.84
N ASP B 97 17.69 16.43 19.98
CA ASP B 97 17.39 17.00 21.27
C ASP B 97 15.91 16.73 21.56
N ILE B 98 15.63 15.72 22.37
CA ILE B 98 14.25 15.30 22.60
C ILE B 98 13.42 16.37 23.32
N ALA B 99 14.03 17.09 24.26
CA ALA B 99 13.30 18.17 24.95
C ALA B 99 12.88 19.22 23.93
N ALA B 100 13.79 19.55 23.01
CA ALA B 100 13.46 20.52 21.96
C ALA B 100 12.34 20.00 21.07
N LEU B 101 12.41 18.74 20.69
CA LEU B 101 11.38 18.15 19.86
C LEU B 101 10.02 18.21 20.56
N ARG B 102 9.98 17.85 21.83
CA ARG B 102 8.73 17.91 22.59
C ARG B 102 8.17 19.32 22.64
N GLY B 103 9.06 20.30 22.86
CA GLY B 103 8.65 21.70 22.85
C GLY B 103 8.11 22.15 21.51
N ALA B 104 8.75 21.70 20.44
CA ALA B 104 8.32 22.07 19.10
C ALA B 104 6.95 21.48 18.80
N ILE B 105 6.73 20.22 19.19
CA ILE B 105 5.44 19.60 18.98
C ILE B 105 4.35 20.33 19.76
N GLU B 106 4.64 20.73 20.99
CA GLU B 106 3.70 21.53 21.78
C GLU B 106 3.34 22.84 21.06
N ALA B 107 4.35 23.54 20.55
CA ALA B 107 4.13 24.80 19.86
C ALA B 107 3.29 24.57 18.58
N ILE B 108 3.57 23.48 17.88
CA ILE B 108 2.82 23.12 16.70
C ILE B 108 1.37 22.78 16.99
N ARG B 109 1.11 22.02 18.06
CA ARG B 109 -0.26 21.68 18.45
C ARG B 109 -1.09 22.94 18.70
N ALA B 110 -0.47 23.95 19.31
CA ALA B 110 -1.17 25.19 19.57
C ALA B 110 -1.64 25.87 18.26
N ARG B 111 -0.89 25.64 17.19
CA ARG B 111 -1.19 26.28 15.91
CA ARG B 111 -1.16 26.26 15.89
C ARG B 111 -2.08 25.45 14.97
N ILE B 112 -1.91 24.12 14.95
CA ILE B 112 -2.68 23.31 14.02
C ILE B 112 -3.71 22.40 14.68
N GLY B 113 -3.72 22.38 16.01
CA GLY B 113 -4.63 21.52 16.76
C GLY B 113 -4.04 20.15 17.03
N PRO B 114 -4.84 19.25 17.62
CA PRO B 114 -4.36 17.89 17.92
C PRO B 114 -3.88 17.18 16.63
N ILE B 115 -2.76 16.52 16.72
CA ILE B 115 -2.12 15.90 15.56
C ILE B 115 -2.85 14.60 15.19
N ALA B 116 -3.33 14.52 13.96
CA ALA B 116 -4.04 13.34 13.46
C ALA B 116 -3.15 12.39 12.63
N ALA B 117 -2.08 12.93 12.04
CA ALA B 117 -1.15 12.12 11.28
C ALA B 117 0.25 12.64 11.49
N LEU B 118 1.16 11.71 11.70
CA LEU B 118 2.58 12.00 11.94
C LEU B 118 3.39 11.22 10.93
N VAL B 119 4.25 11.94 10.20
CA VAL B 119 5.17 11.33 9.25
C VAL B 119 6.58 11.53 9.81
N ASN B 120 7.12 10.41 10.30
CA ASN B 120 8.43 10.35 10.97
C ASN B 120 9.49 10.12 9.92
N ASN B 121 9.91 11.20 9.30
CA ASN B 121 10.70 11.17 8.09
C ASN B 121 12.18 11.52 8.27
N ALA B 122 12.54 12.38 9.21
CA ALA B 122 13.91 12.88 9.27
C ALA B 122 14.92 11.72 9.39
N ALA B 123 15.98 11.81 8.59
CA ALA B 123 16.97 10.73 8.52
C ALA B 123 18.31 11.30 8.06
N ASN B 124 19.34 10.49 8.20
CA ASN B 124 20.65 10.83 7.69
C ASN B 124 21.42 9.55 7.39
N ASP B 125 21.67 9.34 6.09
CA ASP B 125 22.30 8.10 5.58
C ASP B 125 23.78 8.28 5.27
N VAL B 126 24.44 9.21 5.95
CA VAL B 126 25.85 9.43 5.73
C VAL B 126 26.64 8.12 5.89
N ARG B 127 27.55 7.88 4.97
CA ARG B 127 28.32 6.65 4.95
CA ARG B 127 28.32 6.65 4.95
C ARG B 127 29.32 6.63 6.09
N HIS B 128 29.66 5.43 6.54
CA HIS B 128 30.63 5.23 7.57
C HIS B 128 31.19 3.83 7.50
N ALA B 129 32.50 3.74 7.62
CA ALA B 129 33.19 2.46 7.63
C ALA B 129 33.02 1.77 8.97
N ILE B 130 32.90 0.45 8.94
CA ILE B 130 32.76 -0.32 10.18
C ILE B 130 33.84 0.05 11.18
N ALA B 131 35.10 0.08 10.73
CA ALA B 131 36.22 0.30 11.63
C ALA B 131 36.23 1.71 12.24
N ASP B 132 35.52 2.64 11.61
CA ASP B 132 35.56 4.05 12.01
C ASP B 132 34.46 4.43 12.98
N VAL B 133 33.50 3.55 13.19
CA VAL B 133 32.41 3.82 14.11
C VAL B 133 32.94 3.89 15.54
N THR B 134 32.54 4.95 16.24
CA THR B 134 32.87 5.14 17.66
C THR B 134 31.57 5.07 18.48
N PRO B 135 31.68 4.93 19.80
CA PRO B 135 30.46 4.95 20.61
C PRO B 135 29.63 6.22 20.33
N ASP B 136 30.27 7.37 20.23
CA ASP B 136 29.55 8.62 19.98
C ASP B 136 28.94 8.64 18.58
N SER B 137 29.66 8.15 17.57
CA SER B 137 29.10 8.21 16.22
C SER B 137 27.95 7.20 16.07
N PHE B 138 28.05 6.04 16.74
CA PHE B 138 26.96 5.08 16.77
C PHE B 138 25.71 5.75 17.37
N ASP B 139 25.90 6.37 18.53
CA ASP B 139 24.82 7.02 19.22
C ASP B 139 24.20 8.13 18.39
N ALA B 140 25.03 8.92 17.71
CA ALA B 140 24.51 9.98 16.88
C ALA B 140 23.67 9.45 15.72
N CYS B 141 24.10 8.34 15.11
CA CYS B 141 23.34 7.76 14.03
C CYS B 141 21.97 7.27 14.51
N ILE B 142 21.93 6.61 15.67
CA ILE B 142 20.66 6.20 16.24
C ILE B 142 19.80 7.44 16.56
N ALA B 143 20.42 8.50 17.08
CA ALA B 143 19.68 9.68 17.48
C ALA B 143 19.01 10.35 16.27
N VAL B 144 19.71 10.43 15.15
CA VAL B 144 19.20 11.19 14.02
CA VAL B 144 19.23 11.19 13.99
C VAL B 144 18.31 10.34 13.11
N ASN B 145 18.34 9.02 13.27
CA ASN B 145 17.51 8.14 12.45
C ASN B 145 16.34 7.47 13.15
N LEU B 146 16.55 6.94 14.34
CA LEU B 146 15.55 6.12 15.00
C LEU B 146 14.90 6.81 16.20
N ARG B 147 15.73 7.37 17.07
CA ARG B 147 15.25 7.79 18.38
C ARG B 147 14.11 8.81 18.29
N HIS B 148 14.24 9.80 17.42
CA HIS B 148 13.18 10.81 17.32
C HIS B 148 11.87 10.24 16.80
N GLN B 149 11.89 9.12 16.08
CA GLN B 149 10.65 8.53 15.61
CA GLN B 149 10.65 8.53 15.61
C GLN B 149 9.85 8.06 16.83
N PHE B 150 10.53 7.41 17.77
CA PHE B 150 9.87 6.99 18.97
C PHE B 150 9.30 8.18 19.74
N PHE B 151 10.12 9.20 19.96
CA PHE B 151 9.68 10.29 20.82
C PHE B 151 8.63 11.18 20.18
N ALA B 152 8.66 11.32 18.85
CA ALA B 152 7.60 12.07 18.18
C ALA B 152 6.29 11.29 18.31
N ALA B 153 6.34 9.97 18.11
CA ALA B 153 5.15 9.13 18.30
C ALA B 153 4.61 9.26 19.73
N GLN B 154 5.49 9.16 20.70
CA GLN B 154 5.12 9.25 22.07
C GLN B 154 4.35 10.53 22.35
N ALA B 155 4.79 11.61 21.74
CA ALA B 155 4.20 12.93 21.95
C ALA B 155 2.86 13.18 21.28
N VAL B 156 2.44 12.34 20.32
CA VAL B 156 1.16 12.56 19.62
C VAL B 156 0.08 11.54 19.98
N ILE B 157 0.43 10.53 20.76
CA ILE B 157 -0.54 9.47 21.09
C ILE B 157 -1.79 10.05 21.76
N ASP B 158 -1.60 10.93 22.74
CA ASP B 158 -2.75 11.45 23.47
C ASP B 158 -3.71 12.21 22.54
N ASP B 159 -3.14 13.00 21.63
CA ASP B 159 -3.95 13.69 20.61
C ASP B 159 -4.77 12.71 19.80
N MET B 160 -4.13 11.65 19.32
CA MET B 160 -4.83 10.68 18.49
C MET B 160 -5.89 9.92 19.28
N LYS B 161 -5.60 9.59 20.53
CA LYS B 161 -6.63 9.01 21.36
C LYS B 161 -7.84 9.94 21.45
N ARG B 162 -7.58 11.22 21.67
CA ARG B 162 -8.66 12.20 21.80
C ARG B 162 -9.46 12.38 20.50
N LEU B 163 -8.79 12.26 19.38
CA LEU B 163 -9.41 12.35 18.06
C LEU B 163 -10.20 11.09 17.70
N GLY B 164 -9.96 9.99 18.39
CA GLY B 164 -10.59 8.72 18.04
C GLY B 164 -9.81 7.88 17.04
N GLY B 165 -8.56 8.24 16.80
CA GLY B 165 -7.71 7.48 15.91
C GLY B 165 -6.70 8.38 15.26
N GLY B 166 -5.84 7.81 14.43
CA GLY B 166 -4.83 8.56 13.74
C GLY B 166 -3.93 7.61 13.00
N SER B 167 -2.89 8.20 12.40
CA SER B 167 -1.97 7.43 11.56
C SER B 167 -0.56 7.93 11.76
N ILE B 168 0.35 7.00 12.09
CA ILE B 168 1.76 7.27 12.27
C ILE B 168 2.48 6.49 11.18
N VAL B 169 3.26 7.21 10.37
CA VAL B 169 4.00 6.69 9.23
C VAL B 169 5.48 6.89 9.54
N ASN B 170 6.18 5.78 9.76
CA ASN B 170 7.59 5.78 10.08
C ASN B 170 8.40 5.49 8.83
N LEU B 171 9.38 6.32 8.50
CA LEU B 171 10.20 6.10 7.30
C LEU B 171 11.25 5.03 7.59
N GLY B 172 11.23 4.01 6.73
CA GLY B 172 12.24 2.97 6.71
C GLY B 172 13.19 3.14 5.52
N SER B 173 13.76 2.04 5.06
CA SER B 173 14.73 2.07 3.99
C SER B 173 14.91 0.69 3.41
N ILE B 174 15.18 0.60 2.10
CA ILE B 174 15.54 -0.68 1.49
C ILE B 174 17.03 -0.99 1.67
N SER B 175 17.81 -0.06 2.22
CA SER B 175 19.24 -0.26 2.42
C SER B 175 19.57 -1.61 3.06
N TRP B 176 18.97 -1.88 4.20
CA TRP B 176 19.24 -3.11 4.93
C TRP B 176 18.65 -4.33 4.25
N MET B 177 17.56 -4.11 3.52
CA MET B 177 16.89 -5.21 2.82
C MET B 177 17.79 -5.73 1.70
N LEU B 178 18.49 -4.82 1.01
CA LEU B 178 19.47 -5.17 0.00
C LEU B 178 20.82 -5.60 0.57
N LYS B 179 20.98 -5.50 1.88
CA LYS B 179 22.26 -5.77 2.55
C LYS B 179 23.33 -4.87 1.99
N ASN B 180 23.02 -3.58 1.87
CA ASN B 180 24.03 -2.66 1.39
C ASN B 180 25.15 -2.49 2.42
N ALA B 181 26.36 -2.43 1.89
CA ALA B 181 27.56 -2.02 2.62
C ALA B 181 27.57 -0.51 2.74
N GLY B 182 28.43 -0.01 3.60
CA GLY B 182 28.76 1.41 3.62
C GLY B 182 28.20 2.23 4.76
N TYR B 183 27.31 1.65 5.58
CA TYR B 183 26.66 2.44 6.64
C TYR B 183 25.97 1.50 7.62
N PRO B 184 26.72 0.62 8.29
CA PRO B 184 26.08 -0.42 9.11
C PRO B 184 25.13 0.08 10.22
N VAL B 185 25.45 1.21 10.83
CA VAL B 185 24.57 1.71 11.89
C VAL B 185 23.29 2.30 11.30
N TYR B 186 23.34 2.84 10.10
CA TYR B 186 22.14 3.29 9.41
C TYR B 186 21.26 2.11 9.05
N ALA B 187 21.86 1.07 8.50
CA ALA B 187 21.10 -0.17 8.20
C ALA B 187 20.42 -0.69 9.45
N SER B 188 21.13 -0.69 10.57
CA SER B 188 20.59 -1.15 11.86
CA SER B 188 20.56 -1.16 11.81
C SER B 188 19.42 -0.26 12.28
N ALA B 189 19.62 1.06 12.24
CA ALA B 189 18.61 2.02 12.65
C ALA B 189 17.34 1.89 11.82
N LYS B 190 17.50 1.65 10.52
CA LYS B 190 16.34 1.55 9.64
C LYS B 190 15.62 0.21 9.78
N ALA B 191 16.35 -0.88 10.01
CA ALA B 191 15.70 -2.16 10.33
C ALA B 191 14.94 -2.06 11.65
N ALA B 192 15.48 -1.27 12.58
CA ALA B 192 14.83 -1.07 13.88
C ALA B 192 13.43 -0.53 13.74
N VAL B 193 13.17 0.24 12.69
CA VAL B 193 11.87 0.84 12.47
C VAL B 193 10.79 -0.24 12.39
N GLN B 194 11.12 -1.40 11.87
CA GLN B 194 10.16 -2.53 11.83
CA GLN B 194 10.15 -2.45 11.79
C GLN B 194 9.65 -2.85 13.20
N GLY B 195 10.58 -2.96 14.14
CA GLY B 195 10.18 -3.30 15.51
C GLY B 195 9.38 -2.18 16.17
N LEU B 196 9.81 -0.96 15.95
CA LEU B 196 9.10 0.22 16.46
C LEU B 196 7.67 0.23 15.94
N THR B 197 7.50 0.12 14.63
CA THR B 197 6.21 0.13 14.01
C THR B 197 5.31 -0.96 14.54
N ARG B 198 5.81 -2.18 14.61
CA ARG B 198 4.99 -3.31 15.00
C ARG B 198 4.58 -3.24 16.47
N ALA B 199 5.53 -2.86 17.33
CA ALA B 199 5.26 -2.73 18.77
C ALA B 199 4.22 -1.63 19.00
N LEU B 200 4.39 -0.49 18.36
CA LEU B 200 3.42 0.59 18.48
C LEU B 200 2.07 0.21 17.89
N ALA B 201 2.06 -0.50 16.77
CA ALA B 201 0.80 -0.88 16.17
C ALA B 201 -0.05 -1.72 17.13
N ARG B 202 0.60 -2.65 17.84
CA ARG B 202 -0.13 -3.50 18.78
C ARG B 202 -0.73 -2.68 19.92
N GLU B 203 0.07 -1.80 20.52
CA GLU B 203 -0.42 -1.06 21.65
C GLU B 203 -1.39 0.05 21.30
N LEU B 204 -1.28 0.60 20.09
CA LEU B 204 -2.07 1.76 19.71
C LEU B 204 -3.32 1.40 18.91
N GLY B 205 -3.33 0.21 18.32
CA GLY B 205 -4.47 -0.25 17.55
C GLY B 205 -5.80 -0.24 18.31
N PRO B 206 -5.78 -0.53 19.61
CA PRO B 206 -7.02 -0.46 20.38
C PRO B 206 -7.64 0.94 20.43
N PHE B 207 -6.87 1.97 20.12
CA PHE B 207 -7.35 3.33 20.05
C PHE B 207 -7.52 3.84 18.61
N GLY B 208 -7.50 2.94 17.64
CA GLY B 208 -7.72 3.33 16.24
C GLY B 208 -6.53 4.04 15.63
N ILE B 209 -5.36 3.84 16.21
CA ILE B 209 -4.15 4.44 15.69
C ILE B 209 -3.43 3.41 14.86
N ARG B 210 -3.25 3.68 13.58
CA ARG B 210 -2.48 2.83 12.68
C ARG B 210 -1.01 3.28 12.72
N VAL B 211 -0.10 2.32 12.65
CA VAL B 211 1.33 2.61 12.60
C VAL B 211 1.87 1.72 11.49
N ASN B 212 2.53 2.33 10.51
CA ASN B 212 3.09 1.63 9.37
C ASN B 212 4.47 2.19 9.06
N THR B 213 5.30 1.34 8.47
CA THR B 213 6.59 1.76 7.95
C THR B 213 6.45 2.01 6.47
N LEU B 214 6.83 3.20 6.03
CA LEU B 214 6.88 3.55 4.63
C LEU B 214 8.33 3.43 4.16
N VAL B 215 8.57 2.57 3.17
CA VAL B 215 9.93 2.19 2.78
C VAL B 215 10.22 2.67 1.36
N PRO B 216 10.98 3.76 1.23
CA PRO B 216 11.37 4.19 -0.11
C PRO B 216 12.46 3.30 -0.71
N GLY B 217 12.43 3.20 -2.02
CA GLY B 217 13.58 2.74 -2.79
C GLY B 217 14.61 3.84 -2.98
N TRP B 218 15.29 3.80 -4.13
CA TRP B 218 16.32 4.78 -4.45
C TRP B 218 15.62 5.99 -5.12
N VAL B 219 15.29 7.00 -4.31
CA VAL B 219 14.50 8.13 -4.79
C VAL B 219 15.42 9.14 -5.43
N MET B 220 15.06 9.55 -6.64
CA MET B 220 15.79 10.57 -7.34
C MET B 220 15.32 11.92 -6.84
N THR B 221 16.15 12.54 -6.04
CA THR B 221 15.89 13.84 -5.46
C THR B 221 16.79 14.85 -6.14
N ASP B 222 16.81 16.06 -5.63
CA ASP B 222 17.74 17.05 -6.12
C ASP B 222 19.18 16.65 -5.82
N LYS B 223 19.41 16.06 -4.65
CA LYS B 223 20.73 15.61 -4.24
C LYS B 223 21.18 14.39 -5.04
N GLN B 224 20.27 13.43 -5.24
CA GLN B 224 20.58 12.23 -6.00
C GLN B 224 20.31 12.47 -7.49
N LEU B 227 21.67 10.65 -13.77
CA LEU B 227 22.74 11.01 -14.69
C LEU B 227 23.99 11.49 -13.97
N TRP B 228 23.97 11.57 -12.64
CA TRP B 228 25.18 11.87 -11.85
C TRP B 228 25.87 10.60 -11.37
N LEU B 229 25.21 9.46 -11.56
CA LEU B 229 25.81 8.17 -11.22
C LEU B 229 26.80 7.82 -12.31
N ASP B 230 27.63 6.82 -12.07
CA ASP B 230 28.43 6.24 -13.15
C ASP B 230 27.60 5.15 -13.82
N ASP B 231 28.14 4.54 -14.88
CA ASP B 231 27.40 3.54 -15.64
C ASP B 231 26.99 2.35 -14.78
N ALA B 232 27.89 1.92 -13.90
CA ALA B 232 27.59 0.80 -13.01
C ALA B 232 26.44 1.12 -12.07
N GLY B 233 26.35 2.37 -11.59
CA GLY B 233 25.24 2.77 -10.71
C GLY B 233 23.89 2.72 -11.42
N ARG B 234 23.83 3.30 -12.61
CA ARG B 234 22.62 3.22 -13.43
C ARG B 234 22.24 1.79 -13.74
N ALA B 235 23.23 0.94 -14.01
CA ALA B 235 22.98 -0.44 -14.33
C ALA B 235 22.42 -1.15 -13.10
N ALA B 236 22.93 -0.80 -11.91
CA ALA B 236 22.45 -1.45 -10.69
C ALA B 236 20.99 -1.12 -10.43
N ILE B 237 20.58 0.12 -10.67
CA ILE B 237 19.18 0.51 -10.47
C ILE B 237 18.30 -0.20 -11.50
N LYS B 238 18.75 -0.24 -12.76
CA LYS B 238 17.97 -0.88 -13.81
C LYS B 238 17.86 -2.39 -13.58
N ALA B 239 18.93 -3.02 -13.12
CA ALA B 239 18.88 -4.45 -12.78
C ALA B 239 18.07 -4.71 -11.51
N GLY B 240 18.10 -3.77 -10.56
CA GLY B 240 17.47 -3.96 -9.28
C GLY B 240 15.97 -3.73 -9.37
N GLN B 241 15.54 -2.56 -9.82
CA GLN B 241 14.12 -2.30 -10.01
C GLN B 241 13.53 -3.18 -11.10
N CYS B 242 12.29 -3.60 -10.89
CA CYS B 242 11.53 -4.21 -11.97
C CYS B 242 11.12 -3.19 -13.03
N ILE B 243 10.78 -1.98 -12.60
CA ILE B 243 10.35 -0.92 -13.51
C ILE B 243 11.55 -0.03 -13.86
N ASP B 244 11.78 0.15 -15.16
CA ASP B 244 12.89 0.97 -15.65
C ASP B 244 12.44 2.43 -15.76
N ALA B 245 12.26 3.06 -14.61
CA ALA B 245 11.90 4.46 -14.50
C ALA B 245 12.47 4.98 -13.20
N GLU B 246 12.66 6.30 -13.14
CA GLU B 246 13.12 6.92 -11.90
C GLU B 246 12.03 6.95 -10.85
N LEU B 247 12.36 6.49 -9.66
CA LEU B 247 11.50 6.69 -8.49
C LEU B 247 11.60 8.14 -8.05
N LEU B 248 10.48 8.76 -7.78
CA LEU B 248 10.44 10.19 -7.48
C LEU B 248 9.80 10.43 -6.12
N PRO B 249 10.04 11.62 -5.54
CA PRO B 249 9.43 11.91 -4.24
C PRO B 249 7.91 11.75 -4.21
N GLY B 250 7.26 12.13 -5.30
CA GLY B 250 5.80 12.06 -5.35
C GLY B 250 5.28 10.64 -5.24
N ASP B 251 6.04 9.65 -5.70
CA ASP B 251 5.64 8.25 -5.51
C ASP B 251 5.50 7.94 -4.03
N LEU B 252 6.45 8.37 -3.24
CA LEU B 252 6.38 8.18 -1.78
C LEU B 252 5.29 9.02 -1.17
N ALA B 253 5.16 10.27 -1.61
CA ALA B 253 4.20 11.18 -0.99
C ALA B 253 2.77 10.72 -1.20
N ARG B 254 2.44 10.21 -2.39
CA ARG B 254 1.07 9.75 -2.61
C ARG B 254 0.74 8.55 -1.71
N MET B 255 1.70 7.66 -1.51
CA MET B 255 1.49 6.55 -0.60
C MET B 255 1.23 7.05 0.83
N ALA B 256 1.99 8.06 1.27
CA ALA B 256 1.74 8.63 2.60
C ALA B 256 0.39 9.28 2.71
N LEU B 257 -0.11 9.93 1.66
CA LEU B 257 -1.45 10.49 1.65
C LEU B 257 -2.48 9.39 1.96
N PHE B 258 -2.38 8.29 1.23
CA PHE B 258 -3.31 7.19 1.39
C PHE B 258 -3.23 6.63 2.81
N LEU B 259 -2.02 6.46 3.34
CA LEU B 259 -1.85 5.94 4.69
C LEU B 259 -2.37 6.86 5.79
N ALA B 260 -2.38 8.17 5.53
CA ALA B 260 -2.89 9.14 6.51
C ALA B 260 -4.40 9.37 6.40
N ALA B 261 -4.95 9.09 5.23
CA ALA B 261 -6.36 9.32 4.95
C ALA B 261 -7.23 8.23 5.58
N ASP B 262 -8.52 8.49 5.63
CA ASP B 262 -9.42 7.49 6.18
C ASP B 262 -9.43 6.20 5.36
N ASP B 263 -9.00 6.29 4.11
CA ASP B 263 -9.07 5.19 3.20
C ASP B 263 -8.34 3.93 3.63
N SER B 264 -7.33 4.10 4.50
CA SER B 264 -6.44 3.02 4.94
C SER B 264 -6.67 2.66 6.41
N ARG B 265 -7.89 2.85 6.91
CA ARG B 265 -8.21 2.65 8.32
C ARG B 265 -7.86 1.26 8.88
N MET B 266 -7.82 0.21 8.07
CA MET B 266 -7.46 -1.11 8.55
C MET B 266 -6.08 -1.59 8.16
N ILE B 267 -5.27 -0.69 7.64
CA ILE B 267 -3.88 -1.01 7.29
C ILE B 267 -3.01 -0.55 8.44
N THR B 268 -2.40 -1.50 9.13
CA THR B 268 -1.49 -1.18 10.23
C THR B 268 -0.48 -2.30 10.35
N ALA B 269 0.67 -1.94 10.92
CA ALA B 269 1.81 -2.84 11.14
C ALA B 269 2.48 -3.30 9.85
N GLN B 270 2.33 -2.56 8.77
CA GLN B 270 2.90 -2.97 7.48
C GLN B 270 4.23 -2.30 7.16
N ASP B 271 4.98 -3.00 6.30
CA ASP B 271 6.14 -2.45 5.62
C ASP B 271 5.74 -2.13 4.20
N VAL B 272 5.39 -0.88 3.97
CA VAL B 272 4.78 -0.43 2.72
C VAL B 272 5.89 0.09 1.83
N VAL B 273 6.30 -0.74 0.88
CA VAL B 273 7.48 -0.47 0.06
C VAL B 273 7.09 0.14 -1.26
N VAL B 274 7.73 1.28 -1.56
CA VAL B 274 7.51 2.02 -2.81
C VAL B 274 8.89 2.18 -3.45
N ASP B 275 9.25 1.23 -4.32
CA ASP B 275 10.64 1.10 -4.73
C ASP B 275 10.84 0.56 -6.15
N GLY B 276 9.79 0.51 -6.96
CA GLY B 276 9.92 -0.02 -8.29
C GLY B 276 10.19 -1.50 -8.37
N GLY B 277 10.02 -2.24 -7.28
CA GLY B 277 10.23 -3.68 -7.25
C GLY B 277 11.63 -4.17 -6.97
N TRP B 278 12.48 -3.32 -6.39
CA TRP B 278 13.88 -3.70 -6.12
C TRP B 278 14.05 -4.68 -4.95
N ALA B 279 13.63 -4.26 -3.77
CA ALA B 279 13.90 -5.04 -2.58
C ALA B 279 13.12 -6.32 -2.47
C1 EDO C . -30.40 0.92 -9.66
C1 EDO C . -30.44 1.16 -9.59
O1 EDO C . -30.17 -0.10 -8.67
O1 EDO C . -30.26 0.10 -8.64
C2 EDO C . -29.44 0.74 -10.83
C2 EDO C . -29.64 0.84 -10.84
O2 EDO C . -30.00 -0.16 -11.78
O2 EDO C . -28.23 1.02 -10.59
C1 EDO D . -0.47 3.10 25.04
O1 EDO D . -0.91 4.42 24.69
C2 EDO D . -1.54 2.31 25.77
O2 EDO D . -2.42 3.15 26.53
#